data_1E1T
#
_entry.id   1E1T
#
_cell.length_a   143.100
_cell.length_b   143.100
_cell.length_c   176.100
_cell.angle_alpha   90.00
_cell.angle_beta   90.00
_cell.angle_gamma   120.00
#
_symmetry.space_group_name_H-M   'P 61 2 2'
#
loop_
_entity.id
_entity.type
_entity.pdbx_description
1 polymer 'LYSYL-TRNA SYNTHETASE, HEAT INDUCIBLE'
2 non-polymer "ADENOSINE-5'-[LYSYL-PHOSPHATE]"
3 non-polymer 'PYROPHOSPHATE 2-'
4 non-polymer 'MAGNESIUM ION'
5 non-polymer GLYCEROL
6 water water
#
_entity_poly.entity_id   1
_entity_poly.type   'polypeptide(L)'
_entity_poly.pdbx_seq_one_letter_code
;SEQETRGANEAIDFNDELRNRREKLAALRQQGVAFPNDFRRDHTSDQLHEEFDAKDNQELESLNIEVSVAGRMMTRRIMG
KASFVTLQDVGGRIQLYVARDSLPEGVYNDQFKKWDLGDIIGARGTLFKTQTGELSIHCTELRLLTKALRPLPDKFHGLQ
DQEVRYRQRYLDLIANDKSRQTFVVRSKILAAIRQFMVARGFMEVETPMMQVIPGGASARPFITHHNALDLDMYLRIAPE
LYLKRLVVGGFERVFEINRNFRNEGISVRHNPEFTMMELYMAYADYHDLIELTESLFRTLAQEVLGTTKVTYGEHVFDFG
KPFEKLTMREAIKKYRPETDMADLDNFDAAKALAESIGITVEKSWGLGRIVTEIFDEVAEAHLIQPTFITEYPAEVSPLA
RRNDVNPEITDRFEFFIGGREIGNGFSELNDAEDQAERFQEQVNAKAAGDDEAMFYDEDYVTALEYGLPPTAGLGIGIDR
MIMLFTNSHTIRDVILFPAMRPQK
;
_entity_poly.pdbx_strand_id   A
#
loop_
_chem_comp.id
_chem_comp.type
_chem_comp.name
_chem_comp.formula
GOL non-polymer GLYCEROL 'C3 H8 O3'
LAD non-polymer ADENOSINE-5'-[LYSYL-PHOSPHATE] 'C16 H26 N7 O8 P'
MG non-polymer 'MAGNESIUM ION' 'Mg 2'
POP non-polymer 'PYROPHOSPHATE 2-' 'H2 O7 P2 -2'
#
# COMPACT_ATOMS: atom_id res chain seq x y z
N ALA A 11 23.03 -4.88 29.44
CA ALA A 11 23.06 -3.43 29.63
C ALA A 11 24.30 -2.83 28.95
N ILE A 12 25.46 -3.07 29.55
CA ILE A 12 26.71 -2.56 29.03
C ILE A 12 27.20 -3.45 27.88
N ASP A 13 26.66 -4.67 27.81
CA ASP A 13 27.03 -5.62 26.76
C ASP A 13 26.79 -5.09 25.34
N PHE A 14 25.86 -4.13 25.20
CA PHE A 14 25.53 -3.54 23.91
C PHE A 14 26.62 -2.57 23.50
N ASN A 15 27.11 -1.81 24.47
CA ASN A 15 28.17 -0.84 24.20
C ASN A 15 29.49 -1.54 23.93
N ASP A 16 29.63 -2.75 24.45
CA ASP A 16 30.84 -3.53 24.23
C ASP A 16 30.78 -4.03 22.78
N GLU A 17 29.56 -4.31 22.30
CA GLU A 17 29.36 -4.78 20.94
C GLU A 17 29.69 -3.65 19.98
N LEU A 18 29.22 -2.45 20.30
CA LEU A 18 29.46 -1.27 19.50
C LEU A 18 30.96 -0.97 19.44
N ARG A 19 31.59 -0.94 20.60
CA ARG A 19 33.02 -0.66 20.67
C ARG A 19 33.80 -1.72 19.90
N ASN A 20 33.40 -2.97 20.05
CA ASN A 20 34.08 -4.05 19.37
C ASN A 20 34.02 -3.95 17.86
N ARG A 21 32.87 -3.51 17.36
CA ARG A 21 32.68 -3.36 15.93
C ARG A 21 33.48 -2.18 15.39
N ARG A 22 33.51 -1.07 16.13
CA ARG A 22 34.28 0.08 15.69
C ARG A 22 35.76 -0.27 15.64
N GLU A 23 36.21 -1.07 16.61
CA GLU A 23 37.61 -1.50 16.68
C GLU A 23 37.98 -2.42 15.53
N LYS A 24 37.07 -3.32 15.18
CA LYS A 24 37.31 -4.22 14.09
C LYS A 24 37.38 -3.42 12.79
N LEU A 25 36.52 -2.40 12.68
CA LEU A 25 36.52 -1.54 11.50
C LEU A 25 37.85 -0.78 11.45
N ALA A 26 38.24 -0.18 12.57
CA ALA A 26 39.49 0.55 12.61
C ALA A 26 40.58 -0.30 11.99
N ALA A 27 40.62 -1.56 12.37
CA ALA A 27 41.62 -2.49 11.85
C ALA A 27 41.49 -2.68 10.34
N LEU A 28 40.26 -2.67 9.83
CA LEU A 28 40.04 -2.84 8.40
C LEU A 28 40.58 -1.63 7.68
N ARG A 29 40.39 -0.47 8.29
CA ARG A 29 40.85 0.77 7.72
C ARG A 29 42.36 0.77 7.61
N GLN A 30 43.03 0.14 8.58
CA GLN A 30 44.49 0.08 8.56
C GLN A 30 45.02 -0.83 7.46
N GLN A 31 44.24 -1.83 7.08
CA GLN A 31 44.66 -2.78 6.05
C GLN A 31 44.47 -2.26 4.63
N GLY A 32 43.60 -1.28 4.45
CA GLY A 32 43.36 -0.75 3.13
C GLY A 32 41.98 -0.15 3.04
N VAL A 33 41.27 -0.42 1.97
CA VAL A 33 39.93 0.12 1.80
C VAL A 33 38.95 -0.74 2.60
N ALA A 34 38.43 -0.16 3.68
CA ALA A 34 37.50 -0.85 4.57
C ALA A 34 36.20 -1.27 3.91
N PHE A 35 35.66 -0.41 3.04
CA PHE A 35 34.41 -0.69 2.36
C PHE A 35 34.58 -0.88 0.86
N PRO A 36 34.88 -2.13 0.45
CA PRO A 36 35.04 -2.37 -0.98
C PRO A 36 33.70 -2.44 -1.71
N ASN A 37 33.78 -2.62 -3.02
CA ASN A 37 32.62 -2.80 -3.86
C ASN A 37 33.24 -3.50 -5.03
N ASP A 38 33.36 -4.81 -4.89
CA ASP A 38 34.01 -5.62 -5.88
C ASP A 38 33.40 -7.01 -6.02
N PHE A 39 32.98 -7.59 -4.90
CA PHE A 39 32.40 -8.93 -4.94
C PHE A 39 31.10 -8.99 -5.74
N ARG A 40 30.98 -10.02 -6.56
CA ARG A 40 29.78 -10.17 -7.37
C ARG A 40 29.19 -11.56 -7.18
N ARG A 41 27.88 -11.61 -6.94
CA ARG A 41 27.19 -12.87 -6.76
C ARG A 41 26.48 -13.23 -8.05
N ASP A 42 26.11 -14.49 -8.19
CA ASP A 42 25.42 -14.93 -9.39
C ASP A 42 24.12 -15.64 -9.05
N HIS A 43 23.82 -15.72 -7.76
CA HIS A 43 22.61 -16.40 -7.29
C HIS A 43 22.07 -15.81 -5.99
N THR A 44 20.76 -15.89 -5.81
CA THR A 44 20.14 -15.44 -4.56
C THR A 44 19.65 -16.75 -3.94
N SER A 45 19.44 -16.75 -2.63
CA SER A 45 19.01 -17.93 -1.89
C SER A 45 17.79 -18.62 -2.48
N ASP A 46 16.77 -17.82 -2.79
CA ASP A 46 15.54 -18.37 -3.35
C ASP A 46 15.82 -19.14 -4.65
N GLN A 47 16.68 -18.58 -5.49
CA GLN A 47 17.03 -19.21 -6.76
C GLN A 47 17.65 -20.58 -6.52
N LEU A 48 18.59 -20.63 -5.60
CA LEU A 48 19.27 -21.87 -5.26
C LEU A 48 18.30 -22.92 -4.74
N HIS A 49 17.38 -22.51 -3.87
CA HIS A 49 16.42 -23.43 -3.31
C HIS A 49 15.45 -23.93 -4.38
N GLU A 50 14.91 -23.02 -5.18
CA GLU A 50 13.96 -23.43 -6.21
C GLU A 50 14.60 -24.45 -7.13
N GLU A 51 15.83 -24.19 -7.55
CA GLU A 51 16.50 -25.07 -8.47
C GLU A 51 17.16 -26.33 -7.88
N PHE A 52 17.65 -26.25 -6.65
CA PHE A 52 18.37 -27.39 -6.08
C PHE A 52 17.83 -28.09 -4.84
N ASP A 53 16.80 -27.55 -4.21
CA ASP A 53 16.26 -28.19 -3.03
C ASP A 53 15.87 -29.65 -3.30
N ALA A 54 15.26 -29.89 -4.46
CA ALA A 54 14.82 -31.24 -4.84
C ALA A 54 15.93 -32.23 -5.19
N LYS A 55 17.19 -31.82 -5.09
CA LYS A 55 18.29 -32.72 -5.43
C LYS A 55 18.97 -33.20 -4.16
N ASP A 56 19.28 -34.49 -4.11
CA ASP A 56 19.97 -35.06 -2.96
C ASP A 56 21.47 -34.85 -3.13
N ASN A 57 22.21 -35.05 -2.04
CA ASN A 57 23.64 -34.87 -2.05
C ASN A 57 24.38 -35.62 -3.17
N GLN A 58 23.82 -36.74 -3.60
CA GLN A 58 24.44 -37.53 -4.67
C GLN A 58 24.45 -36.69 -5.94
N GLU A 59 23.26 -36.23 -6.35
CA GLU A 59 23.11 -35.41 -7.54
C GLU A 59 24.01 -34.19 -7.50
N LEU A 60 23.92 -33.45 -6.40
CA LEU A 60 24.71 -32.23 -6.24
C LEU A 60 26.20 -32.52 -6.28
N GLU A 61 26.60 -33.69 -5.77
CA GLU A 61 28.01 -34.05 -5.76
C GLU A 61 28.51 -34.13 -7.19
N SER A 62 27.80 -34.90 -8.02
CA SER A 62 28.17 -35.09 -9.41
C SER A 62 27.98 -33.81 -10.23
N LEU A 63 26.96 -33.02 -9.89
CA LEU A 63 26.71 -31.78 -10.60
C LEU A 63 27.83 -30.78 -10.31
N ASN A 64 28.43 -30.89 -9.13
CA ASN A 64 29.52 -30.00 -8.72
C ASN A 64 29.31 -28.58 -9.21
N ILE A 65 28.20 -27.99 -8.78
CA ILE A 65 27.85 -26.63 -9.16
C ILE A 65 28.37 -25.58 -8.21
N GLU A 66 29.16 -24.64 -8.73
CA GLU A 66 29.70 -23.56 -7.92
C GLU A 66 28.84 -22.31 -8.12
N VAL A 67 28.54 -21.62 -7.02
CA VAL A 67 27.74 -20.40 -7.09
C VAL A 67 28.35 -19.33 -6.19
N SER A 68 27.89 -18.10 -6.35
CA SER A 68 28.38 -16.99 -5.52
C SER A 68 27.16 -16.31 -4.93
N VAL A 69 27.19 -16.07 -3.63
CA VAL A 69 26.07 -15.41 -2.97
C VAL A 69 26.60 -14.30 -2.10
N ALA A 70 25.72 -13.44 -1.64
CA ALA A 70 26.11 -12.35 -0.77
C ALA A 70 24.91 -11.99 0.06
N GLY A 71 25.15 -11.51 1.28
CA GLY A 71 24.06 -11.15 2.15
C GLY A 71 24.55 -10.99 3.57
N ARG A 72 23.60 -10.80 4.47
CA ARG A 72 23.89 -10.60 5.88
C ARG A 72 24.15 -11.92 6.62
N MET A 73 25.20 -11.94 7.45
CA MET A 73 25.50 -13.13 8.23
C MET A 73 24.56 -13.12 9.43
N MET A 74 23.52 -13.95 9.36
CA MET A 74 22.50 -13.99 10.38
C MET A 74 22.85 -14.88 11.57
N THR A 75 23.51 -15.99 11.31
CA THR A 75 23.92 -16.89 12.38
C THR A 75 25.26 -17.50 12.01
N ARG A 76 26.03 -17.81 13.04
CA ARG A 76 27.33 -18.43 12.85
C ARG A 76 27.64 -19.31 14.03
N ARG A 77 27.96 -20.57 13.74
CA ARG A 77 28.29 -21.53 14.78
C ARG A 77 29.68 -22.04 14.49
N ILE A 78 30.65 -21.53 15.24
CA ILE A 78 32.04 -21.94 15.07
C ILE A 78 32.32 -23.25 15.84
N MET A 79 32.55 -24.32 15.08
CA MET A 79 32.83 -25.63 15.67
C MET A 79 34.27 -26.01 15.43
N GLY A 80 35.19 -25.11 15.76
CA GLY A 80 36.60 -25.39 15.55
C GLY A 80 37.09 -25.04 14.16
N LYS A 81 37.55 -26.06 13.42
CA LYS A 81 38.07 -25.88 12.06
C LYS A 81 36.96 -25.73 11.04
N ALA A 82 35.71 -25.83 11.49
CA ALA A 82 34.55 -25.69 10.61
C ALA A 82 33.46 -24.91 11.32
N SER A 83 32.65 -24.21 10.52
CA SER A 83 31.56 -23.41 11.05
C SER A 83 30.36 -23.51 10.12
N PHE A 84 29.21 -23.11 10.63
CA PHE A 84 27.98 -23.17 9.87
C PHE A 84 27.38 -21.79 9.97
N VAL A 85 27.01 -21.25 8.82
CA VAL A 85 26.48 -19.91 8.75
C VAL A 85 25.18 -19.80 7.98
N THR A 86 24.30 -18.93 8.47
CA THR A 86 23.06 -18.68 7.78
C THR A 86 23.29 -17.33 7.12
N LEU A 87 23.20 -17.30 5.80
CA LEU A 87 23.37 -16.07 5.04
C LEU A 87 21.97 -15.68 4.58
N GLN A 88 21.59 -14.43 4.82
CA GLN A 88 20.28 -13.96 4.41
C GLN A 88 20.38 -12.88 3.32
N ASP A 89 19.77 -13.13 2.18
CA ASP A 89 19.79 -12.16 1.09
C ASP A 89 18.36 -11.77 0.71
N VAL A 90 18.23 -11.05 -0.40
CA VAL A 90 16.91 -10.60 -0.83
C VAL A 90 15.92 -11.76 -1.02
N GLY A 91 16.44 -12.92 -1.38
CA GLY A 91 15.57 -14.07 -1.61
C GLY A 91 15.27 -14.93 -0.39
N GLY A 92 15.99 -14.73 0.70
CA GLY A 92 15.76 -15.53 1.88
C GLY A 92 17.05 -15.94 2.54
N ARG A 93 17.15 -17.22 2.91
CA ARG A 93 18.33 -17.71 3.59
C ARG A 93 18.94 -18.95 2.95
N ILE A 94 20.25 -19.06 3.05
CA ILE A 94 20.95 -20.21 2.51
C ILE A 94 22.07 -20.51 3.49
N GLN A 95 22.42 -21.79 3.63
CA GLN A 95 23.46 -22.21 4.54
C GLN A 95 24.84 -22.18 3.90
N LEU A 96 25.83 -21.83 4.69
CA LEU A 96 27.20 -21.79 4.23
C LEU A 96 28.01 -22.72 5.13
N TYR A 97 28.85 -23.53 4.51
CA TYR A 97 29.72 -24.41 5.26
C TYR A 97 31.11 -23.80 5.15
N VAL A 98 31.55 -23.17 6.23
CA VAL A 98 32.84 -22.51 6.26
C VAL A 98 33.90 -23.31 6.99
N ALA A 99 34.87 -23.84 6.25
CA ALA A 99 35.93 -24.65 6.82
C ALA A 99 37.32 -24.04 6.58
N ARG A 100 38.18 -24.11 7.59
CA ARG A 100 39.52 -23.56 7.50
C ARG A 100 40.32 -23.97 6.27
N ASP A 101 40.31 -25.27 5.99
CA ASP A 101 41.06 -25.82 4.85
C ASP A 101 40.34 -25.76 3.51
N SER A 102 39.16 -25.17 3.49
CA SER A 102 38.41 -25.05 2.26
C SER A 102 38.64 -23.66 1.68
N LEU A 103 39.01 -22.73 2.56
CA LEU A 103 39.26 -21.34 2.19
C LEU A 103 40.75 -21.05 2.11
N PRO A 104 41.13 -19.96 1.42
CA PRO A 104 42.53 -19.57 1.27
C PRO A 104 43.19 -19.43 2.65
N GLU A 105 44.48 -19.77 2.72
CA GLU A 105 45.21 -19.72 3.98
C GLU A 105 44.93 -18.46 4.78
N GLY A 106 44.59 -18.64 6.05
CA GLY A 106 44.34 -17.53 6.95
C GLY A 106 43.01 -16.83 6.93
N VAL A 107 42.23 -17.00 5.87
CA VAL A 107 40.95 -16.33 5.78
C VAL A 107 40.03 -16.73 6.92
N TYR A 108 39.92 -18.03 7.13
CA TYR A 108 39.09 -18.59 8.18
C TYR A 108 39.41 -18.05 9.56
N ASN A 109 40.69 -18.11 9.94
CA ASN A 109 41.11 -17.66 11.26
C ASN A 109 41.38 -16.17 11.41
N ASP A 110 42.03 -15.57 10.42
CA ASP A 110 42.35 -14.16 10.51
C ASP A 110 41.23 -13.22 10.08
N GLN A 111 40.22 -13.76 9.41
CA GLN A 111 39.12 -12.92 8.97
C GLN A 111 37.76 -13.39 9.44
N PHE A 112 37.32 -14.53 8.91
CA PHE A 112 36.01 -15.09 9.22
C PHE A 112 35.63 -15.06 10.69
N LYS A 113 36.49 -15.61 11.53
CA LYS A 113 36.22 -15.67 12.95
C LYS A 113 36.10 -14.29 13.61
N LYS A 114 36.63 -13.28 12.94
CA LYS A 114 36.59 -11.92 13.47
C LYS A 114 35.34 -11.16 13.06
N TRP A 115 34.61 -11.69 12.08
CA TRP A 115 33.40 -11.02 11.64
C TRP A 115 32.31 -11.14 12.69
N ASP A 116 31.24 -10.38 12.50
CA ASP A 116 30.13 -10.37 13.44
C ASP A 116 28.82 -10.59 12.74
N LEU A 117 27.84 -11.09 13.48
CA LEU A 117 26.52 -11.31 12.91
C LEU A 117 26.07 -9.96 12.42
N GLY A 118 25.36 -9.95 11.30
CA GLY A 118 24.90 -8.67 10.77
C GLY A 118 25.85 -8.13 9.72
N ASP A 119 27.08 -8.64 9.72
CA ASP A 119 28.08 -8.22 8.75
C ASP A 119 27.61 -8.70 7.39
N ILE A 120 27.85 -7.91 6.36
CA ILE A 120 27.47 -8.30 5.01
C ILE A 120 28.66 -9.05 4.46
N ILE A 121 28.43 -10.29 4.04
CA ILE A 121 29.50 -11.13 3.51
C ILE A 121 29.15 -11.67 2.12
N GLY A 122 30.18 -12.19 1.46
CA GLY A 122 30.01 -12.77 0.13
C GLY A 122 30.72 -14.12 0.14
N ALA A 123 30.12 -15.10 -0.52
CA ALA A 123 30.71 -16.42 -0.55
C ALA A 123 30.60 -17.08 -1.92
N ARG A 124 31.58 -17.91 -2.22
CA ARG A 124 31.61 -18.64 -3.47
C ARG A 124 31.94 -20.07 -3.06
N GLY A 125 31.14 -21.02 -3.50
CA GLY A 125 31.41 -22.40 -3.16
C GLY A 125 30.52 -23.37 -3.89
N THR A 126 30.74 -24.65 -3.62
CA THR A 126 29.98 -25.72 -4.25
C THR A 126 28.74 -26.11 -3.47
N LEU A 127 27.65 -26.36 -4.19
CA LEU A 127 26.40 -26.74 -3.57
C LEU A 127 26.39 -28.20 -3.15
N PHE A 128 25.81 -28.47 -1.99
CA PHE A 128 25.68 -29.82 -1.47
C PHE A 128 24.53 -29.80 -0.49
N LYS A 129 24.21 -30.96 0.07
CA LYS A 129 23.14 -31.01 1.05
C LYS A 129 23.69 -31.58 2.35
N THR A 130 23.38 -30.91 3.46
CA THR A 130 23.83 -31.33 4.77
C THR A 130 23.15 -32.63 5.18
N GLN A 131 23.61 -33.20 6.30
CA GLN A 131 23.02 -34.43 6.81
C GLN A 131 21.54 -34.19 7.07
N THR A 132 21.20 -33.00 7.56
CA THR A 132 19.82 -32.62 7.84
C THR A 132 19.03 -32.47 6.55
N GLY A 133 19.74 -32.58 5.42
CA GLY A 133 19.11 -32.47 4.12
C GLY A 133 18.94 -31.05 3.60
N GLU A 134 19.60 -30.10 4.26
CA GLU A 134 19.50 -28.70 3.85
C GLU A 134 20.49 -28.37 2.75
N LEU A 135 20.09 -27.43 1.89
CA LEU A 135 20.94 -26.99 0.79
C LEU A 135 22.00 -26.09 1.40
N SER A 136 23.25 -26.37 1.11
CA SER A 136 24.33 -25.58 1.68
C SER A 136 25.43 -25.34 0.66
N ILE A 137 26.23 -24.31 0.90
CA ILE A 137 27.33 -23.97 0.02
C ILE A 137 28.66 -24.21 0.71
N HIS A 138 29.43 -25.16 0.19
CA HIS A 138 30.73 -25.44 0.74
C HIS A 138 31.66 -24.37 0.18
N CYS A 139 31.85 -23.30 0.95
CA CYS A 139 32.67 -22.18 0.53
C CYS A 139 34.11 -22.46 0.20
N THR A 140 34.60 -21.81 -0.85
CA THR A 140 35.99 -21.91 -1.28
C THR A 140 36.55 -20.49 -1.24
N GLU A 141 35.64 -19.52 -1.17
CA GLU A 141 36.02 -18.12 -1.03
C GLU A 141 34.97 -17.48 -0.14
N LEU A 142 35.40 -16.58 0.73
CA LEU A 142 34.48 -15.94 1.63
C LEU A 142 35.07 -14.58 1.99
N ARG A 143 34.26 -13.54 1.91
CA ARG A 143 34.74 -12.18 2.18
C ARG A 143 33.79 -11.36 3.03
N LEU A 144 34.37 -10.36 3.70
CA LEU A 144 33.60 -9.44 4.49
C LEU A 144 33.41 -8.25 3.56
N LEU A 145 32.16 -7.97 3.17
CA LEU A 145 31.86 -6.87 2.26
C LEU A 145 31.55 -5.59 3.04
N THR A 146 30.70 -5.68 4.04
CA THR A 146 30.38 -4.50 4.85
C THR A 146 30.36 -4.83 6.33
N LYS A 147 31.15 -4.11 7.10
CA LYS A 147 31.18 -4.33 8.54
C LYS A 147 29.93 -3.68 9.12
N ALA A 148 29.19 -4.43 9.92
CA ALA A 148 27.99 -3.89 10.57
C ALA A 148 28.49 -3.30 11.88
N LEU A 149 28.27 -2.01 12.09
CA LEU A 149 28.73 -1.35 13.30
C LEU A 149 27.75 -1.52 14.46
N ARG A 150 26.53 -1.95 14.12
CA ARG A 150 25.50 -2.21 15.11
C ARG A 150 25.06 -3.66 14.98
N PRO A 151 24.82 -4.32 16.13
CA PRO A 151 24.40 -5.73 16.16
C PRO A 151 23.02 -5.91 15.56
N LEU A 152 22.71 -7.11 15.10
CA LEU A 152 21.39 -7.37 14.52
C LEU A 152 20.32 -6.94 15.51
N PRO A 153 19.16 -6.49 15.00
CA PRO A 153 18.07 -6.07 15.90
C PRO A 153 17.55 -7.18 16.81
N ASP A 161 9.02 0.89 22.37
CA ASP A 161 7.70 0.46 21.91
C ASP A 161 7.81 -0.40 20.67
N GLN A 162 6.68 -0.92 20.20
CA GLN A 162 6.66 -1.74 19.00
C GLN A 162 6.57 -0.83 17.76
N GLU A 163 6.76 0.46 17.98
CA GLU A 163 6.72 1.44 16.89
C GLU A 163 8.10 1.52 16.25
N VAL A 164 9.04 0.76 16.78
CA VAL A 164 10.41 0.73 16.26
C VAL A 164 10.37 0.20 14.84
N ARG A 165 9.50 -0.78 14.63
CA ARG A 165 9.33 -1.40 13.33
C ARG A 165 9.04 -0.36 12.26
N TYR A 166 8.39 0.73 12.66
CA TYR A 166 8.05 1.79 11.74
C TYR A 166 9.09 2.88 11.65
N ARG A 167 9.75 3.16 12.77
CA ARG A 167 10.79 4.19 12.82
C ARG A 167 12.08 3.70 12.19
N GLN A 168 12.26 2.38 12.14
CA GLN A 168 13.45 1.79 11.55
C GLN A 168 13.03 0.54 10.83
N ARG A 169 12.24 0.74 9.79
CA ARG A 169 11.71 -0.35 8.98
C ARG A 169 12.76 -1.30 8.45
N TYR A 170 14.01 -0.84 8.32
CA TYR A 170 15.08 -1.71 7.83
C TYR A 170 15.37 -2.79 8.84
N LEU A 171 15.25 -2.43 10.11
CA LEU A 171 15.49 -3.39 11.19
C LEU A 171 14.35 -4.41 11.15
N ASP A 172 13.13 -3.92 10.98
CA ASP A 172 11.98 -4.78 10.90
C ASP A 172 12.12 -5.74 9.71
N LEU A 173 12.62 -5.23 8.59
CA LEU A 173 12.77 -6.06 7.39
C LEU A 173 13.87 -7.08 7.57
N ILE A 174 14.92 -6.69 8.29
CA ILE A 174 16.01 -7.63 8.54
C ILE A 174 15.53 -8.74 9.48
N ALA A 175 14.79 -8.35 10.51
CA ALA A 175 14.31 -9.28 11.53
C ALA A 175 13.08 -10.13 11.22
N ASN A 176 12.03 -9.54 10.68
CA ASN A 176 10.82 -10.29 10.44
C ASN A 176 10.45 -10.61 9.00
N ASP A 177 10.55 -11.90 8.68
CA ASP A 177 10.24 -12.38 7.34
C ASP A 177 8.77 -12.17 7.00
N LYS A 178 7.89 -12.11 8.01
CA LYS A 178 6.47 -11.90 7.74
C LYS A 178 6.28 -10.49 7.23
N SER A 179 7.06 -9.56 7.77
CA SER A 179 6.99 -8.17 7.34
C SER A 179 7.51 -8.05 5.90
N ARG A 180 8.63 -8.70 5.61
CA ARG A 180 9.21 -8.67 4.27
C ARG A 180 8.18 -9.21 3.28
N GLN A 181 7.59 -10.36 3.63
CA GLN A 181 6.62 -11.00 2.77
C GLN A 181 5.43 -10.08 2.47
N THR A 182 5.06 -9.27 3.46
CA THR A 182 3.93 -8.36 3.29
C THR A 182 4.24 -7.31 2.22
N PHE A 183 5.45 -6.77 2.25
CA PHE A 183 5.85 -5.76 1.28
C PHE A 183 6.14 -6.37 -0.07
N VAL A 184 6.61 -7.61 -0.08
CA VAL A 184 6.85 -8.28 -1.34
C VAL A 184 5.49 -8.51 -2.01
N VAL A 185 4.48 -8.80 -1.20
CA VAL A 185 3.14 -9.04 -1.72
C VAL A 185 2.55 -7.73 -2.19
N ARG A 186 2.90 -6.64 -1.51
CA ARG A 186 2.41 -5.33 -1.92
C ARG A 186 2.88 -5.06 -3.35
N SER A 187 4.15 -5.34 -3.63
CA SER A 187 4.70 -5.12 -4.97
C SER A 187 4.00 -6.02 -5.97
N LYS A 188 3.71 -7.25 -5.57
CA LYS A 188 3.03 -8.19 -6.45
C LYS A 188 1.64 -7.69 -6.78
N ILE A 189 0.96 -7.14 -5.78
CA ILE A 189 -0.39 -6.65 -5.98
C ILE A 189 -0.43 -5.47 -6.95
N LEU A 190 0.45 -4.50 -6.76
CA LEU A 190 0.49 -3.34 -7.64
C LEU A 190 0.77 -3.76 -9.08
N ALA A 191 1.73 -4.67 -9.26
CA ALA A 191 2.09 -5.16 -10.58
C ALA A 191 0.91 -5.91 -11.18
N ALA A 192 0.14 -6.58 -10.33
CA ALA A 192 -1.01 -7.34 -10.78
C ALA A 192 -2.17 -6.42 -11.13
N ILE A 193 -2.26 -5.28 -10.46
CA ILE A 193 -3.33 -4.33 -10.76
C ILE A 193 -3.07 -3.71 -12.12
N ARG A 194 -1.80 -3.42 -12.38
CA ARG A 194 -1.41 -2.83 -13.66
C ARG A 194 -1.69 -3.81 -14.78
N GLN A 195 -1.26 -5.04 -14.60
CA GLN A 195 -1.49 -6.06 -15.60
C GLN A 195 -2.98 -6.21 -15.85
N PHE A 196 -3.77 -6.15 -14.78
CA PHE A 196 -5.23 -6.27 -14.87
C PHE A 196 -5.82 -5.09 -15.63
N MET A 197 -5.39 -3.89 -15.27
CA MET A 197 -5.88 -2.67 -15.90
C MET A 197 -5.47 -2.60 -17.38
N VAL A 198 -4.20 -2.84 -17.64
CA VAL A 198 -3.68 -2.79 -19.00
C VAL A 198 -4.38 -3.83 -19.86
N ALA A 199 -4.71 -4.98 -19.26
CA ALA A 199 -5.41 -6.04 -20.00
C ALA A 199 -6.76 -5.55 -20.45
N ARG A 200 -7.27 -4.51 -19.80
CA ARG A 200 -8.57 -3.96 -20.15
C ARG A 200 -8.47 -2.68 -20.98
N GLY A 201 -7.29 -2.44 -21.55
CA GLY A 201 -7.10 -1.28 -22.38
C GLY A 201 -6.96 0.05 -21.67
N PHE A 202 -6.68 0.01 -20.37
CA PHE A 202 -6.51 1.25 -19.63
C PHE A 202 -5.06 1.67 -19.82
N MET A 203 -4.84 2.98 -19.91
CA MET A 203 -3.50 3.53 -20.09
C MET A 203 -3.13 4.29 -18.83
N GLU A 204 -1.95 3.99 -18.28
CA GLU A 204 -1.53 4.66 -17.07
C GLU A 204 -0.90 6.02 -17.36
N VAL A 205 -1.38 7.04 -16.68
CA VAL A 205 -0.88 8.39 -16.86
C VAL A 205 -0.37 8.98 -15.56
N GLU A 206 0.25 10.15 -15.67
CA GLU A 206 0.79 10.85 -14.53
C GLU A 206 0.32 12.29 -14.58
N THR A 207 -0.58 12.64 -13.66
CA THR A 207 -1.13 13.97 -13.59
C THR A 207 -0.45 14.68 -12.43
N PRO A 208 -0.59 16.01 -12.34
CA PRO A 208 0.05 16.76 -11.27
C PRO A 208 -0.24 16.37 -9.83
N MET A 209 0.77 16.52 -8.98
CA MET A 209 0.62 16.25 -7.56
C MET A 209 0.70 17.58 -6.84
N MET A 210 0.97 18.61 -7.63
CA MET A 210 1.03 19.98 -7.16
C MET A 210 -0.06 20.64 -7.98
N GLN A 211 -1.00 21.28 -7.30
CA GLN A 211 -2.10 21.93 -7.98
C GLN A 211 -2.41 23.26 -7.33
N VAL A 212 -2.74 24.25 -8.15
CA VAL A 212 -3.07 25.55 -7.62
C VAL A 212 -4.46 25.46 -7.00
N ILE A 213 -5.34 24.70 -7.64
CA ILE A 213 -6.70 24.49 -7.13
C ILE A 213 -6.84 23.00 -6.86
N PRO A 214 -6.74 22.58 -5.59
CA PRO A 214 -6.89 21.14 -5.34
C PRO A 214 -8.35 20.74 -5.44
N GLY A 215 -8.61 19.51 -5.87
CA GLY A 215 -9.99 19.07 -6.01
C GLY A 215 -10.05 17.57 -6.21
N GLY A 216 -11.22 17.08 -6.62
CA GLY A 216 -11.39 15.66 -6.84
C GLY A 216 -11.78 14.88 -5.60
N ALA A 217 -11.81 15.55 -4.45
CA ALA A 217 -12.18 14.91 -3.20
C ALA A 217 -12.49 15.99 -2.18
N SER A 218 -12.84 15.56 -0.98
CA SER A 218 -13.15 16.49 0.09
C SER A 218 -12.19 16.20 1.22
N ALA A 219 -11.15 17.01 1.33
CA ALA A 219 -10.15 16.83 2.37
C ALA A 219 -9.39 18.13 2.59
N ARG A 220 -8.75 18.25 3.75
CA ARG A 220 -7.97 19.44 4.02
C ARG A 220 -6.65 19.14 3.31
N PRO A 221 -6.22 20.03 2.41
CA PRO A 221 -4.97 19.78 1.70
C PRO A 221 -3.75 20.33 2.41
N PHE A 222 -2.59 19.89 1.92
CA PHE A 222 -1.31 20.37 2.42
C PHE A 222 -1.04 21.51 1.47
N ILE A 223 -0.54 22.62 2.00
CA ILE A 223 -0.25 23.76 1.15
C ILE A 223 1.25 24.05 1.20
N THR A 224 1.78 24.49 0.08
CA THR A 224 3.19 24.81 -0.02
C THR A 224 3.34 26.05 -0.88
N HIS A 225 4.58 26.48 -1.09
CA HIS A 225 4.81 27.67 -1.88
C HIS A 225 5.93 27.50 -2.91
N HIS A 226 5.62 27.85 -4.15
CA HIS A 226 6.60 27.79 -5.24
C HIS A 226 7.26 29.17 -5.28
N ASN A 227 8.49 29.24 -4.80
CA ASN A 227 9.20 30.51 -4.76
C ASN A 227 9.33 31.16 -6.14
N ALA A 228 9.83 30.40 -7.11
CA ALA A 228 10.01 30.90 -8.47
C ALA A 228 8.81 31.70 -8.98
N LEU A 229 7.61 31.13 -8.87
CA LEU A 229 6.41 31.82 -9.33
C LEU A 229 5.72 32.54 -8.18
N ASP A 230 6.35 32.55 -7.01
CA ASP A 230 5.76 33.17 -5.81
C ASP A 230 4.31 32.76 -5.79
N LEU A 231 4.09 31.46 -5.98
CA LEU A 231 2.76 30.91 -6.04
C LEU A 231 2.50 29.87 -4.98
N ASP A 232 1.38 30.04 -4.29
CA ASP A 232 0.96 29.11 -3.26
C ASP A 232 0.34 27.93 -3.99
N MET A 233 0.68 26.72 -3.57
CA MET A 233 0.16 25.55 -4.22
C MET A 233 -0.21 24.48 -3.21
N TYR A 234 -0.95 23.50 -3.67
CA TYR A 234 -1.39 22.42 -2.82
C TYR A 234 -0.96 21.07 -3.33
N LEU A 235 -0.71 20.14 -2.41
CA LEU A 235 -0.38 18.77 -2.78
C LEU A 235 -1.76 18.26 -3.15
N ARG A 236 -1.87 17.48 -4.21
CA ARG A 236 -3.18 17.00 -4.60
C ARG A 236 -3.80 16.05 -3.59
N ILE A 237 -5.12 16.17 -3.44
CA ILE A 237 -5.86 15.30 -2.54
C ILE A 237 -6.45 14.19 -3.41
N ALA A 238 -6.48 14.42 -4.73
CA ALA A 238 -6.98 13.46 -5.71
C ALA A 238 -6.70 13.97 -7.12
N PRO A 239 -6.41 13.06 -8.06
CA PRO A 239 -6.12 13.38 -9.47
C PRO A 239 -7.38 13.41 -10.33
N GLU A 240 -8.51 13.09 -9.73
CA GLU A 240 -9.77 13.01 -10.47
C GLU A 240 -10.03 14.06 -11.55
N LEU A 241 -9.97 15.33 -11.18
CA LEU A 241 -10.27 16.39 -12.14
C LEU A 241 -9.35 16.42 -13.35
N TYR A 242 -8.11 15.97 -13.17
CA TYR A 242 -7.16 15.94 -14.27
C TYR A 242 -7.40 14.71 -15.13
N LEU A 243 -7.73 13.60 -14.49
CA LEU A 243 -7.97 12.39 -15.22
C LEU A 243 -9.19 12.55 -16.12
N LYS A 244 -10.20 13.27 -15.64
CA LYS A 244 -11.37 13.45 -16.48
C LYS A 244 -11.07 14.41 -17.63
N ARG A 245 -10.09 15.29 -17.44
CA ARG A 245 -9.71 16.22 -18.50
C ARG A 245 -9.11 15.38 -19.62
N LEU A 246 -8.36 14.35 -19.23
CA LEU A 246 -7.73 13.48 -20.23
C LEU A 246 -8.77 12.68 -20.96
N VAL A 247 -9.88 12.36 -20.30
CA VAL A 247 -10.93 11.58 -20.97
C VAL A 247 -11.56 12.50 -22.01
N VAL A 248 -11.69 13.79 -21.68
CA VAL A 248 -12.25 14.77 -22.61
C VAL A 248 -11.28 14.87 -23.80
N GLY A 249 -9.99 14.77 -23.50
CA GLY A 249 -8.96 14.85 -24.52
C GLY A 249 -8.92 13.60 -25.39
N GLY A 250 -9.63 12.54 -24.99
CA GLY A 250 -9.65 11.34 -25.80
C GLY A 250 -9.01 10.09 -25.21
N PHE A 251 -8.38 10.24 -24.06
CA PHE A 251 -7.77 9.08 -23.40
C PHE A 251 -8.93 8.53 -22.58
N GLU A 252 -9.78 7.78 -23.27
CA GLU A 252 -11.00 7.21 -22.72
C GLU A 252 -10.88 6.11 -21.67
N ARG A 253 -9.70 5.53 -21.54
CA ARG A 253 -9.48 4.50 -20.54
C ARG A 253 -8.15 4.81 -19.87
N VAL A 254 -8.22 5.63 -18.83
CA VAL A 254 -7.01 6.03 -18.13
C VAL A 254 -7.05 5.65 -16.67
N PHE A 255 -5.86 5.47 -16.10
CA PHE A 255 -5.76 5.19 -14.70
C PHE A 255 -4.44 5.71 -14.19
N GLU A 256 -4.41 6.02 -12.91
CA GLU A 256 -3.22 6.52 -12.25
C GLU A 256 -3.17 5.86 -10.88
N ILE A 257 -2.00 5.34 -10.53
CA ILE A 257 -1.81 4.72 -9.23
C ILE A 257 -0.68 5.50 -8.61
N ASN A 258 -1.00 6.36 -7.65
CA ASN A 258 0.04 7.16 -7.05
C ASN A 258 -0.41 7.81 -5.75
N ARG A 259 0.49 8.57 -5.13
CA ARG A 259 0.23 9.25 -3.87
C ARG A 259 -0.83 10.31 -4.00
N ASN A 260 -1.46 10.59 -2.88
CA ASN A 260 -2.44 11.63 -2.75
C ASN A 260 -2.12 12.06 -1.32
N PHE A 261 -2.32 13.34 -1.01
CA PHE A 261 -1.97 13.85 0.30
C PHE A 261 -3.13 14.54 0.93
N ARG A 262 -3.36 14.25 2.20
CA ARG A 262 -4.44 14.86 2.92
C ARG A 262 -3.94 15.29 4.27
N ASN A 263 -4.12 16.57 4.54
CA ASN A 263 -3.68 17.16 5.79
C ASN A 263 -4.66 16.76 6.88
N GLU A 264 -4.69 15.46 7.17
CA GLU A 264 -5.56 14.93 8.20
C GLU A 264 -4.71 14.04 9.12
N GLY A 265 -5.25 13.72 10.28
CA GLY A 265 -4.50 12.92 11.24
C GLY A 265 -4.21 11.49 10.84
N ILE A 266 -3.17 10.95 11.46
CA ILE A 266 -2.76 9.57 11.25
C ILE A 266 -3.72 8.62 11.99
N SER A 267 -3.95 7.44 11.43
CA SER A 267 -4.83 6.47 12.09
C SER A 267 -4.45 5.07 11.65
N VAL A 268 -5.22 4.08 12.06
CA VAL A 268 -4.96 2.68 11.72
C VAL A 268 -5.37 2.45 10.26
N ARG A 269 -6.01 3.45 9.67
CA ARG A 269 -6.44 3.34 8.31
C ARG A 269 -6.14 4.61 7.51
N HIS A 270 -5.40 5.53 8.12
CA HIS A 270 -5.04 6.80 7.49
C HIS A 270 -3.56 7.18 7.60
N ASN A 271 -2.98 7.53 6.46
CA ASN A 271 -1.60 8.01 6.41
C ASN A 271 -1.75 9.33 5.66
N PRO A 272 -1.04 10.38 6.08
CA PRO A 272 -1.16 11.67 5.40
C PRO A 272 -0.95 11.56 3.88
N GLU A 273 -0.08 10.65 3.47
CA GLU A 273 0.15 10.42 2.04
C GLU A 273 -0.14 8.95 1.85
N PHE A 274 -0.95 8.64 0.85
CA PHE A 274 -1.32 7.26 0.60
C PHE A 274 -1.42 7.01 -0.90
N THR A 275 -1.43 5.75 -1.28
CA THR A 275 -1.54 5.40 -2.68
C THR A 275 -2.97 5.06 -3.07
N MET A 276 -3.44 5.74 -4.12
CA MET A 276 -4.79 5.52 -4.60
C MET A 276 -4.73 5.22 -6.08
N MET A 277 -5.63 4.38 -6.54
CA MET A 277 -5.70 4.12 -7.96
C MET A 277 -7.00 4.79 -8.41
N GLU A 278 -6.93 5.62 -9.44
CA GLU A 278 -8.14 6.21 -9.97
C GLU A 278 -8.17 5.72 -11.39
N LEU A 279 -9.34 5.31 -11.86
CA LEU A 279 -9.46 4.80 -13.19
C LEU A 279 -10.73 5.39 -13.76
N TYR A 280 -10.73 5.61 -15.07
CA TYR A 280 -11.87 6.18 -15.75
C TYR A 280 -12.04 5.48 -17.08
N MET A 281 -13.27 5.05 -17.37
CA MET A 281 -13.56 4.43 -18.63
C MET A 281 -14.83 5.07 -19.18
N ALA A 282 -14.71 5.67 -20.36
CA ALA A 282 -15.83 6.33 -21.00
C ALA A 282 -16.81 5.28 -21.51
N TYR A 283 -18.09 5.67 -21.62
CA TYR A 283 -19.12 4.78 -22.12
C TYR A 283 -19.34 3.61 -21.16
N ALA A 284 -19.38 3.95 -19.87
CA ALA A 284 -19.59 2.99 -18.80
C ALA A 284 -20.23 3.76 -17.66
N ASP A 285 -20.93 3.04 -16.77
CA ASP A 285 -21.55 3.67 -15.61
C ASP A 285 -21.05 2.94 -14.35
N TYR A 286 -21.53 3.32 -13.17
CA TYR A 286 -21.04 2.68 -11.97
C TYR A 286 -21.23 1.16 -11.90
N HIS A 287 -22.25 0.62 -12.57
CA HIS A 287 -22.45 -0.83 -12.56
C HIS A 287 -21.24 -1.52 -13.18
N ASP A 288 -20.69 -0.90 -14.22
CA ASP A 288 -19.51 -1.44 -14.90
C ASP A 288 -18.33 -1.44 -13.93
N LEU A 289 -18.30 -0.44 -13.05
CA LEU A 289 -17.23 -0.33 -12.06
C LEU A 289 -17.36 -1.41 -10.98
N ILE A 290 -18.61 -1.75 -10.65
CA ILE A 290 -18.91 -2.77 -9.68
C ILE A 290 -18.35 -4.10 -10.20
N GLU A 291 -18.61 -4.40 -11.47
CA GLU A 291 -18.09 -5.62 -12.08
C GLU A 291 -16.57 -5.58 -12.06
N LEU A 292 -16.00 -4.44 -12.44
CA LEU A 292 -14.55 -4.31 -12.49
C LEU A 292 -13.92 -4.52 -11.12
N THR A 293 -14.54 -3.92 -10.11
CA THR A 293 -14.04 -4.07 -8.74
C THR A 293 -14.07 -5.55 -8.31
N GLU A 294 -15.21 -6.21 -8.51
CA GLU A 294 -15.33 -7.61 -8.15
C GLU A 294 -14.32 -8.47 -8.90
N SER A 295 -14.12 -8.22 -10.19
CA SER A 295 -13.15 -9.00 -10.95
C SER A 295 -11.75 -8.67 -10.50
N LEU A 296 -11.50 -7.42 -10.16
CA LEU A 296 -10.17 -7.04 -9.70
C LEU A 296 -9.80 -7.81 -8.43
N PHE A 297 -10.70 -7.85 -7.47
CA PHE A 297 -10.43 -8.55 -6.22
C PHE A 297 -10.31 -10.07 -6.39
N ARG A 298 -11.18 -10.65 -7.22
CA ARG A 298 -11.13 -12.08 -7.46
C ARG A 298 -9.81 -12.40 -8.14
N THR A 299 -9.45 -11.61 -9.14
CA THR A 299 -8.20 -11.81 -9.88
C THR A 299 -6.99 -11.71 -8.96
N LEU A 300 -6.92 -10.64 -8.17
CA LEU A 300 -5.80 -10.44 -7.26
C LEU A 300 -5.69 -11.57 -6.22
N ALA A 301 -6.82 -11.95 -5.63
CA ALA A 301 -6.82 -13.02 -4.64
C ALA A 301 -6.29 -14.27 -5.31
N GLN A 302 -6.92 -14.64 -6.41
CA GLN A 302 -6.50 -15.83 -7.16
C GLN A 302 -5.02 -15.72 -7.53
N GLU A 303 -4.69 -14.66 -8.27
CA GLU A 303 -3.33 -14.44 -8.75
C GLU A 303 -2.27 -14.31 -7.67
N VAL A 304 -2.51 -13.46 -6.70
CA VAL A 304 -1.52 -13.23 -5.67
C VAL A 304 -1.54 -14.19 -4.49
N LEU A 305 -2.72 -14.57 -4.03
CA LEU A 305 -2.81 -15.49 -2.89
C LEU A 305 -3.06 -16.94 -3.24
N GLY A 306 -3.37 -17.23 -4.49
CA GLY A 306 -3.61 -18.60 -4.89
C GLY A 306 -4.99 -19.13 -4.58
N THR A 307 -5.86 -18.28 -4.03
CA THR A 307 -7.23 -18.69 -3.70
C THR A 307 -8.11 -17.46 -3.61
N THR A 308 -9.40 -17.62 -3.87
CA THR A 308 -10.34 -16.50 -3.79
C THR A 308 -10.88 -16.27 -2.38
N LYS A 309 -10.62 -17.21 -1.49
CA LYS A 309 -11.06 -17.09 -0.10
C LYS A 309 -9.88 -16.55 0.67
N VAL A 310 -10.05 -15.34 1.20
CA VAL A 310 -8.98 -14.68 1.92
C VAL A 310 -9.26 -14.57 3.40
N THR A 311 -8.28 -14.98 4.20
CA THR A 311 -8.44 -14.90 5.64
C THR A 311 -7.94 -13.56 6.09
N TYR A 312 -8.79 -12.86 6.84
CA TYR A 312 -8.44 -11.56 7.36
C TYR A 312 -8.96 -11.49 8.79
N GLY A 313 -8.03 -11.48 9.75
CA GLY A 313 -8.43 -11.45 11.15
C GLY A 313 -9.24 -12.68 11.43
N GLU A 314 -10.39 -12.51 12.06
CA GLU A 314 -11.25 -13.64 12.36
C GLU A 314 -12.21 -13.93 11.22
N HIS A 315 -12.03 -13.26 10.09
CA HIS A 315 -12.92 -13.48 8.97
C HIS A 315 -12.30 -14.09 7.74
N VAL A 316 -13.18 -14.49 6.83
CA VAL A 316 -12.78 -15.05 5.56
C VAL A 316 -13.63 -14.34 4.54
N PHE A 317 -12.97 -13.72 3.56
CA PHE A 317 -13.65 -13.00 2.52
C PHE A 317 -13.63 -13.89 1.29
N ASP A 318 -14.78 -14.14 0.70
CA ASP A 318 -14.81 -14.95 -0.50
C ASP A 318 -14.90 -14.00 -1.69
N PHE A 319 -13.76 -13.72 -2.30
CA PHE A 319 -13.73 -12.82 -3.45
C PHE A 319 -14.18 -13.57 -4.71
N GLY A 320 -14.69 -14.77 -4.49
CA GLY A 320 -15.18 -15.59 -5.57
C GLY A 320 -16.69 -15.44 -5.66
N LYS A 321 -17.27 -14.77 -4.66
CA LYS A 321 -18.71 -14.55 -4.62
C LYS A 321 -18.95 -13.05 -4.72
N PRO A 322 -20.08 -12.63 -5.31
CA PRO A 322 -20.36 -11.19 -5.42
C PRO A 322 -20.33 -10.49 -4.08
N PHE A 323 -19.97 -9.21 -4.10
CA PHE A 323 -19.94 -8.40 -2.89
C PHE A 323 -21.40 -8.22 -2.53
N GLU A 324 -21.66 -7.88 -1.28
CA GLU A 324 -23.03 -7.63 -0.90
C GLU A 324 -23.29 -6.22 -1.38
N LYS A 325 -24.55 -5.89 -1.62
CA LYS A 325 -24.90 -4.57 -2.10
C LYS A 325 -26.12 -4.01 -1.38
N LEU A 326 -25.97 -2.83 -0.79
CA LEU A 326 -27.07 -2.18 -0.08
C LEU A 326 -27.03 -0.70 -0.41
N THR A 327 -28.19 -0.06 -0.36
CA THR A 327 -28.21 1.38 -0.57
C THR A 327 -27.76 1.91 0.78
N MET A 328 -27.40 3.18 0.83
CA MET A 328 -26.95 3.77 2.07
C MET A 328 -28.03 3.64 3.15
N ARG A 329 -29.28 3.86 2.78
CA ARG A 329 -30.38 3.79 3.74
C ARG A 329 -30.61 2.37 4.25
N GLU A 330 -30.46 1.38 3.37
CA GLU A 330 -30.66 0.01 3.81
C GLU A 330 -29.61 -0.34 4.87
N ALA A 331 -28.38 0.13 4.67
CA ALA A 331 -27.31 -0.14 5.61
C ALA A 331 -27.60 0.54 6.96
N ILE A 332 -28.15 1.74 6.93
CA ILE A 332 -28.48 2.48 8.14
C ILE A 332 -29.59 1.70 8.89
N LYS A 333 -30.63 1.31 8.17
CA LYS A 333 -31.75 0.59 8.73
C LYS A 333 -31.33 -0.78 9.25
N LYS A 334 -30.45 -1.43 8.52
CA LYS A 334 -29.97 -2.74 8.91
C LYS A 334 -29.12 -2.72 10.17
N TYR A 335 -28.33 -1.67 10.36
CA TYR A 335 -27.46 -1.60 11.53
C TYR A 335 -27.96 -0.78 12.71
N ARG A 336 -29.05 -0.08 12.51
CA ARG A 336 -29.71 0.65 13.57
C ARG A 336 -31.18 0.44 13.21
N PRO A 337 -31.68 -0.79 13.46
CA PRO A 337 -33.07 -1.20 13.18
C PRO A 337 -34.16 -0.34 13.77
N GLU A 338 -33.87 0.30 14.90
CA GLU A 338 -34.87 1.12 15.57
C GLU A 338 -35.00 2.50 14.93
N THR A 339 -34.26 2.73 13.85
CA THR A 339 -34.30 4.01 13.16
C THR A 339 -35.60 4.20 12.40
N ASP A 340 -36.24 5.35 12.63
CA ASP A 340 -37.46 5.69 11.90
C ASP A 340 -36.90 6.31 10.62
N MET A 341 -36.94 5.55 9.53
CA MET A 341 -36.42 5.99 8.25
C MET A 341 -36.95 7.32 7.76
N ALA A 342 -38.12 7.71 8.24
CA ALA A 342 -38.72 8.97 7.83
C ALA A 342 -37.88 10.12 8.36
N ASP A 343 -37.07 9.85 9.37
CA ASP A 343 -36.22 10.88 9.97
C ASP A 343 -35.16 11.36 9.00
N LEU A 344 -34.76 10.49 8.08
CA LEU A 344 -33.74 10.83 7.11
C LEU A 344 -34.27 11.74 6.01
N ASP A 345 -35.59 11.94 5.99
CA ASP A 345 -36.23 12.78 4.99
C ASP A 345 -36.49 14.18 5.51
N ASN A 346 -36.23 14.39 6.79
CA ASN A 346 -36.46 15.69 7.41
C ASN A 346 -35.16 16.20 8.01
N PHE A 347 -34.74 17.39 7.59
CA PHE A 347 -33.51 17.97 8.10
C PHE A 347 -33.44 18.00 9.62
N ASP A 348 -34.48 18.55 10.26
CA ASP A 348 -34.49 18.62 11.72
C ASP A 348 -34.46 17.27 12.38
N ALA A 349 -35.22 16.33 11.83
CA ALA A 349 -35.27 14.98 12.37
C ALA A 349 -33.92 14.32 12.19
N ALA A 350 -33.31 14.51 11.02
CA ALA A 350 -32.03 13.89 10.73
C ALA A 350 -30.93 14.49 11.58
N LYS A 351 -30.98 15.80 11.78
CA LYS A 351 -29.98 16.48 12.59
C LYS A 351 -30.08 15.94 14.02
N ALA A 352 -31.32 15.81 14.50
CA ALA A 352 -31.56 15.28 15.84
C ALA A 352 -31.02 13.85 15.94
N LEU A 353 -31.41 13.01 14.99
CA LEU A 353 -30.96 11.63 14.93
C LEU A 353 -29.43 11.57 14.93
N ALA A 354 -28.83 12.32 14.00
CA ALA A 354 -27.38 12.36 13.87
C ALA A 354 -26.76 12.74 15.20
N GLU A 355 -27.27 13.79 15.82
CA GLU A 355 -26.74 14.23 17.09
C GLU A 355 -26.95 13.22 18.21
N SER A 356 -28.11 12.58 18.22
CA SER A 356 -28.42 11.58 19.23
C SER A 356 -27.41 10.46 19.23
N ILE A 357 -26.79 10.22 18.07
CA ILE A 357 -25.79 9.16 18.00
C ILE A 357 -24.36 9.68 18.08
N GLY A 358 -24.18 10.91 18.54
CA GLY A 358 -22.83 11.45 18.70
C GLY A 358 -22.18 12.23 17.57
N ILE A 359 -22.90 12.45 16.48
CA ILE A 359 -22.35 13.19 15.37
C ILE A 359 -22.57 14.68 15.60
N THR A 360 -21.49 15.46 15.51
CA THR A 360 -21.60 16.90 15.67
C THR A 360 -21.97 17.42 14.29
N VAL A 361 -23.19 17.94 14.18
CA VAL A 361 -23.70 18.46 12.92
C VAL A 361 -23.29 19.91 12.70
N GLU A 362 -22.42 20.12 11.71
CA GLU A 362 -21.92 21.45 11.38
C GLU A 362 -22.96 22.34 10.70
N LYS A 363 -22.78 23.65 10.83
CA LYS A 363 -23.72 24.60 10.25
C LYS A 363 -23.85 24.44 8.74
N SER A 364 -22.74 24.10 8.08
CA SER A 364 -22.73 23.93 6.63
C SER A 364 -23.48 22.68 6.11
N TRP A 365 -23.57 21.64 6.94
CA TRP A 365 -24.24 20.41 6.53
C TRP A 365 -25.71 20.55 6.17
N GLY A 366 -26.11 19.79 5.15
CA GLY A 366 -27.49 19.78 4.71
C GLY A 366 -27.96 18.36 4.97
N LEU A 367 -29.21 18.06 4.62
CA LEU A 367 -29.75 16.74 4.87
C LEU A 367 -28.89 15.60 4.31
N GLY A 368 -28.53 15.70 3.03
CA GLY A 368 -27.72 14.66 2.41
C GLY A 368 -26.43 14.37 3.13
N ARG A 369 -25.80 15.41 3.64
CA ARG A 369 -24.54 15.27 4.37
C ARG A 369 -24.79 14.61 5.71
N ILE A 370 -25.88 15.01 6.38
CA ILE A 370 -26.22 14.44 7.68
C ILE A 370 -26.51 12.95 7.54
N VAL A 371 -27.26 12.59 6.51
CA VAL A 371 -27.59 11.19 6.26
C VAL A 371 -26.34 10.36 6.02
N THR A 372 -25.40 10.92 5.26
CA THR A 372 -24.16 10.21 4.97
C THR A 372 -23.38 10.01 6.26
N GLU A 373 -23.35 11.04 7.10
CA GLU A 373 -22.63 10.96 8.37
C GLU A 373 -23.28 9.92 9.28
N ILE A 374 -24.61 9.87 9.24
CA ILE A 374 -25.34 8.89 10.03
C ILE A 374 -24.90 7.51 9.53
N PHE A 375 -24.90 7.32 8.22
CA PHE A 375 -24.48 6.05 7.64
C PHE A 375 -23.09 5.68 8.13
N ASP A 376 -22.21 6.66 8.13
CA ASP A 376 -20.83 6.45 8.56
C ASP A 376 -20.77 5.95 9.99
N GLU A 377 -21.47 6.66 10.87
CA GLU A 377 -21.49 6.31 12.28
C GLU A 377 -22.14 4.96 12.52
N VAL A 378 -23.30 4.77 11.92
CA VAL A 378 -24.09 3.56 12.08
C VAL A 378 -23.63 2.26 11.43
N ALA A 379 -23.40 2.29 10.12
CA ALA A 379 -23.08 1.08 9.38
C ALA A 379 -21.67 0.75 8.95
N GLU A 380 -20.90 1.77 8.61
CA GLU A 380 -19.56 1.53 8.11
C GLU A 380 -18.72 0.44 8.78
N ALA A 381 -18.55 0.54 10.09
CA ALA A 381 -17.75 -0.43 10.83
C ALA A 381 -18.26 -1.86 10.70
N HIS A 382 -19.55 -2.01 10.40
CA HIS A 382 -20.17 -3.32 10.27
C HIS A 382 -20.03 -3.98 8.91
N LEU A 383 -19.58 -3.23 7.92
CA LEU A 383 -19.43 -3.80 6.58
C LEU A 383 -18.11 -4.54 6.57
N ILE A 384 -18.15 -5.76 7.10
CA ILE A 384 -16.98 -6.62 7.21
C ILE A 384 -16.76 -7.39 5.94
N GLN A 385 -17.82 -8.00 5.44
CA GLN A 385 -17.74 -8.74 4.19
C GLN A 385 -17.82 -7.72 3.05
N PRO A 386 -17.10 -7.97 1.93
CA PRO A 386 -17.10 -7.05 0.78
C PRO A 386 -18.51 -6.52 0.50
N THR A 387 -18.68 -5.21 0.65
CA THR A 387 -19.99 -4.62 0.45
C THR A 387 -19.97 -3.35 -0.38
N PHE A 388 -20.97 -3.20 -1.26
CA PHE A 388 -21.11 -2.01 -2.09
C PHE A 388 -22.25 -1.22 -1.48
N ILE A 389 -22.03 0.07 -1.23
CA ILE A 389 -23.07 0.92 -0.66
C ILE A 389 -23.41 1.95 -1.73
N THR A 390 -24.66 1.91 -2.21
CA THR A 390 -25.09 2.82 -3.25
C THR A 390 -26.01 3.95 -2.81
N GLU A 391 -26.34 4.82 -3.77
CA GLU A 391 -27.23 5.95 -3.55
C GLU A 391 -26.70 7.03 -2.63
N TYR A 392 -25.51 7.53 -2.94
CA TYR A 392 -24.92 8.60 -2.15
C TYR A 392 -25.61 9.91 -2.48
N PRO A 393 -25.97 10.70 -1.45
CA PRO A 393 -26.64 11.98 -1.65
C PRO A 393 -25.81 12.92 -2.54
N ALA A 394 -26.51 13.75 -3.31
CA ALA A 394 -25.86 14.69 -4.21
C ALA A 394 -24.94 15.65 -3.46
N GLU A 395 -25.40 16.11 -2.31
CA GLU A 395 -24.64 17.06 -1.52
C GLU A 395 -23.20 16.63 -1.25
N VAL A 396 -23.00 15.33 -1.01
CA VAL A 396 -21.67 14.82 -0.72
C VAL A 396 -20.98 14.22 -1.95
N SER A 397 -21.60 14.40 -3.12
CA SER A 397 -21.05 13.89 -4.36
C SER A 397 -21.09 14.97 -5.45
N PRO A 398 -20.30 16.05 -5.29
CA PRO A 398 -20.27 17.16 -6.26
C PRO A 398 -19.79 16.83 -7.68
N LEU A 399 -19.13 15.70 -7.84
CA LEU A 399 -18.62 15.32 -9.14
C LEU A 399 -19.33 14.09 -9.73
N ALA A 400 -20.33 13.58 -9.03
CA ALA A 400 -21.02 12.39 -9.50
C ALA A 400 -22.27 12.68 -10.31
N ARG A 401 -22.52 11.82 -11.28
CA ARG A 401 -23.69 11.93 -12.14
C ARG A 401 -24.94 11.82 -11.27
N ARG A 402 -25.91 12.67 -11.56
CA ARG A 402 -27.16 12.67 -10.81
C ARG A 402 -28.00 11.50 -11.24
N ASN A 403 -28.75 10.92 -10.30
CA ASN A 403 -29.59 9.78 -10.63
C ASN A 403 -30.82 10.26 -11.42
N ASP A 404 -31.18 9.52 -12.47
CA ASP A 404 -32.30 9.89 -13.32
C ASP A 404 -33.65 10.03 -12.63
N VAL A 405 -33.92 9.13 -11.69
CA VAL A 405 -35.20 9.13 -10.98
C VAL A 405 -35.22 10.00 -9.74
N ASN A 406 -34.14 9.98 -8.96
CA ASN A 406 -34.07 10.79 -7.75
C ASN A 406 -32.88 11.71 -7.87
N PRO A 407 -33.13 12.99 -8.13
CA PRO A 407 -32.10 14.00 -8.28
C PRO A 407 -31.29 14.24 -7.03
N GLU A 408 -31.86 13.88 -5.89
CA GLU A 408 -31.22 14.09 -4.60
C GLU A 408 -30.09 13.11 -4.30
N ILE A 409 -29.97 12.09 -5.13
CA ILE A 409 -28.89 11.13 -4.95
C ILE A 409 -28.13 11.02 -6.28
N THR A 410 -26.93 10.44 -6.23
CA THR A 410 -26.13 10.31 -7.43
C THR A 410 -25.79 8.85 -7.69
N ASP A 411 -25.45 8.53 -8.94
CA ASP A 411 -25.09 7.19 -9.35
C ASP A 411 -23.68 6.92 -8.85
N ARG A 412 -23.58 6.87 -7.53
CA ARG A 412 -22.31 6.66 -6.85
C ARG A 412 -22.42 5.53 -5.82
N PHE A 413 -21.27 4.95 -5.50
CA PHE A 413 -21.18 3.89 -4.53
C PHE A 413 -19.80 3.92 -3.89
N GLU A 414 -19.67 3.19 -2.79
CA GLU A 414 -18.39 3.06 -2.14
C GLU A 414 -18.41 1.61 -1.75
N PHE A 415 -17.26 1.00 -1.57
CA PHE A 415 -17.28 -0.38 -1.16
C PHE A 415 -16.41 -0.54 0.07
N PHE A 416 -16.86 -1.42 0.96
CA PHE A 416 -16.19 -1.68 2.23
C PHE A 416 -15.87 -3.13 2.41
N ILE A 417 -14.76 -3.36 3.11
CA ILE A 417 -14.29 -4.70 3.42
C ILE A 417 -13.58 -4.55 4.77
N GLY A 418 -13.86 -5.44 5.71
CA GLY A 418 -13.23 -5.36 7.01
C GLY A 418 -13.60 -4.08 7.73
N GLY A 419 -14.83 -3.60 7.50
CA GLY A 419 -15.28 -2.40 8.18
C GLY A 419 -14.61 -1.09 7.77
N ARG A 420 -13.88 -1.12 6.66
CA ARG A 420 -13.18 0.08 6.18
C ARG A 420 -13.55 0.37 4.73
N GLU A 421 -13.58 1.65 4.39
CA GLU A 421 -13.89 2.09 3.03
C GLU A 421 -12.67 1.75 2.18
N ILE A 422 -12.85 0.96 1.13
CA ILE A 422 -11.73 0.58 0.26
C ILE A 422 -11.78 1.34 -1.07
N GLY A 423 -12.99 1.68 -1.52
CA GLY A 423 -13.10 2.38 -2.78
C GLY A 423 -14.31 3.28 -2.89
N ASN A 424 -14.26 4.15 -3.89
CA ASN A 424 -15.32 5.13 -4.13
C ASN A 424 -15.43 5.28 -5.64
N GLY A 425 -16.63 5.10 -6.18
CA GLY A 425 -16.80 5.20 -7.61
C GLY A 425 -18.17 5.65 -8.01
N PHE A 426 -18.28 6.22 -9.20
CA PHE A 426 -19.56 6.68 -9.72
C PHE A 426 -19.58 6.97 -11.21
N SER A 427 -20.80 7.13 -11.72
CA SER A 427 -20.98 7.52 -13.10
C SER A 427 -20.57 9.00 -12.96
N GLU A 428 -19.68 9.47 -13.82
CA GLU A 428 -19.18 10.84 -13.71
C GLU A 428 -20.16 11.91 -14.17
N LEU A 429 -20.09 13.06 -13.52
CA LEU A 429 -20.92 14.19 -13.88
C LEU A 429 -20.29 14.86 -15.11
N ASN A 430 -20.96 14.78 -16.25
CA ASN A 430 -20.46 15.38 -17.48
C ASN A 430 -21.39 16.50 -17.93
N ASP A 431 -22.18 17.01 -16.99
CA ASP A 431 -23.11 18.11 -17.22
C ASP A 431 -22.41 19.34 -16.67
N ALA A 432 -21.74 20.08 -17.55
CA ALA A 432 -20.98 21.26 -17.17
C ALA A 432 -21.73 22.28 -16.33
N GLU A 433 -22.95 22.63 -16.75
CA GLU A 433 -23.74 23.61 -16.02
C GLU A 433 -24.05 23.11 -14.60
N ASP A 434 -24.32 21.82 -14.49
CA ASP A 434 -24.62 21.21 -13.21
C ASP A 434 -23.36 21.27 -12.35
N GLN A 435 -22.24 20.85 -12.94
CA GLN A 435 -20.97 20.84 -12.25
C GLN A 435 -20.62 22.22 -11.70
N ALA A 436 -20.87 23.25 -12.51
CA ALA A 436 -20.56 24.62 -12.08
C ALA A 436 -21.38 24.94 -10.84
N GLU A 437 -22.67 24.64 -10.90
CA GLU A 437 -23.55 24.90 -9.78
C GLU A 437 -23.14 24.16 -8.52
N ARG A 438 -22.73 22.90 -8.67
CA ARG A 438 -22.32 22.11 -7.53
C ARG A 438 -21.04 22.67 -6.92
N PHE A 439 -20.19 23.25 -7.77
CA PHE A 439 -18.94 23.85 -7.30
C PHE A 439 -19.31 25.10 -6.50
N GLN A 440 -20.34 25.79 -6.96
CA GLN A 440 -20.78 26.98 -6.25
C GLN A 440 -21.24 26.60 -4.85
N GLU A 441 -22.00 25.51 -4.76
CA GLU A 441 -22.51 25.04 -3.47
C GLU A 441 -21.35 24.71 -2.56
N GLN A 442 -20.30 24.11 -3.14
CA GLN A 442 -19.12 23.75 -2.39
C GLN A 442 -18.39 24.98 -1.89
N VAL A 443 -18.47 26.05 -2.67
CA VAL A 443 -17.83 27.31 -2.30
C VAL A 443 -18.64 27.90 -1.15
N ASN A 444 -19.96 27.82 -1.25
CA ASN A 444 -20.85 28.33 -0.19
C ASN A 444 -20.53 27.55 1.09
N ALA A 445 -20.47 26.23 0.98
CA ALA A 445 -20.17 25.37 2.12
C ALA A 445 -18.86 25.73 2.79
N LYS A 446 -17.84 26.04 1.99
CA LYS A 446 -16.55 26.40 2.56
C LYS A 446 -16.70 27.73 3.28
N ALA A 447 -17.51 28.62 2.71
CA ALA A 447 -17.76 29.92 3.31
C ALA A 447 -18.56 29.72 4.60
N ALA A 448 -19.37 28.67 4.62
CA ALA A 448 -20.20 28.34 5.77
C ALA A 448 -19.42 27.51 6.81
N GLY A 449 -18.13 27.36 6.60
CA GLY A 449 -17.33 26.60 7.56
C GLY A 449 -16.74 25.25 7.16
N ASP A 450 -17.14 24.69 6.03
CA ASP A 450 -16.63 23.39 5.60
C ASP A 450 -15.20 23.47 5.04
N ASP A 451 -14.23 23.18 5.89
CA ASP A 451 -12.82 23.22 5.51
C ASP A 451 -12.43 22.12 4.53
N GLU A 452 -13.38 21.28 4.15
CA GLU A 452 -13.07 20.21 3.22
C GLU A 452 -13.84 20.40 1.92
N ALA A 453 -14.66 21.44 1.87
CA ALA A 453 -15.44 21.72 0.66
C ALA A 453 -14.48 22.00 -0.48
N MET A 454 -14.91 21.70 -1.70
CA MET A 454 -14.09 21.92 -2.88
C MET A 454 -13.98 23.35 -3.34
N PHE A 455 -12.90 23.64 -4.06
CA PHE A 455 -12.64 24.95 -4.64
C PHE A 455 -13.35 24.99 -5.98
N TYR A 456 -13.74 26.17 -6.41
CA TYR A 456 -14.37 26.28 -7.71
C TYR A 456 -13.24 26.10 -8.72
N ASP A 457 -13.47 25.24 -9.71
CA ASP A 457 -12.46 24.99 -10.74
C ASP A 457 -13.04 25.35 -12.10
N GLU A 458 -12.89 26.61 -12.46
CA GLU A 458 -13.40 27.10 -13.72
C GLU A 458 -12.85 26.35 -14.93
N ASP A 459 -11.55 26.08 -14.97
CA ASP A 459 -10.99 25.37 -16.12
C ASP A 459 -11.56 23.97 -16.22
N TYR A 460 -11.87 23.36 -15.07
CA TYR A 460 -12.45 22.04 -15.12
C TYR A 460 -13.82 22.12 -15.79
N VAL A 461 -14.61 23.11 -15.40
CA VAL A 461 -15.93 23.29 -16.00
C VAL A 461 -15.80 23.52 -17.50
N THR A 462 -14.80 24.31 -17.88
CA THR A 462 -14.53 24.61 -19.28
C THR A 462 -14.28 23.30 -20.03
N ALA A 463 -13.48 22.43 -19.43
CA ALA A 463 -13.17 21.15 -20.04
C ALA A 463 -14.45 20.36 -20.28
N LEU A 464 -15.37 20.41 -19.31
CA LEU A 464 -16.64 19.71 -19.45
C LEU A 464 -17.49 20.33 -20.56
N GLU A 465 -17.31 21.63 -20.77
CA GLU A 465 -18.05 22.32 -21.82
C GLU A 465 -17.64 21.86 -23.20
N TYR A 466 -16.42 21.32 -23.31
CA TYR A 466 -15.94 20.82 -24.60
C TYR A 466 -16.52 19.43 -24.82
N GLY A 467 -17.05 18.84 -23.75
CA GLY A 467 -17.67 17.53 -23.86
C GLY A 467 -16.93 16.35 -23.28
N LEU A 468 -17.40 15.87 -22.14
CA LEU A 468 -16.81 14.71 -21.51
C LEU A 468 -17.76 13.56 -21.82
N PRO A 469 -17.25 12.48 -22.43
CA PRO A 469 -18.13 11.34 -22.76
C PRO A 469 -18.74 10.76 -21.48
N PRO A 470 -19.91 10.09 -21.59
CA PRO A 470 -20.45 9.53 -20.35
C PRO A 470 -19.31 8.66 -19.83
N THR A 471 -19.02 8.76 -18.55
CA THR A 471 -17.89 8.02 -18.01
C THR A 471 -18.16 7.49 -16.60
N ALA A 472 -17.40 6.48 -16.21
CA ALA A 472 -17.50 5.89 -14.89
C ALA A 472 -16.10 5.93 -14.33
N GLY A 473 -15.95 6.49 -13.14
CA GLY A 473 -14.64 6.56 -12.53
C GLY A 473 -14.64 5.87 -11.17
N LEU A 474 -13.47 5.39 -10.77
CA LEU A 474 -13.35 4.69 -9.51
C LEU A 474 -12.00 4.93 -8.85
N GLY A 475 -12.04 5.14 -7.54
CA GLY A 475 -10.82 5.34 -6.78
C GLY A 475 -10.76 4.25 -5.73
N ILE A 476 -9.60 3.61 -5.60
CA ILE A 476 -9.42 2.55 -4.63
C ILE A 476 -8.20 2.86 -3.78
N GLY A 477 -8.34 2.74 -2.46
CA GLY A 477 -7.22 2.99 -1.56
C GLY A 477 -6.33 1.77 -1.65
N ILE A 478 -5.20 1.92 -2.33
CA ILE A 478 -4.30 0.78 -2.51
C ILE A 478 -3.76 0.22 -1.20
N ASP A 479 -3.36 1.09 -0.28
CA ASP A 479 -2.84 0.62 1.00
C ASP A 479 -3.88 -0.20 1.75
N ARG A 480 -5.12 0.30 1.80
CA ARG A 480 -6.21 -0.41 2.47
C ARG A 480 -6.45 -1.75 1.78
N MET A 481 -6.35 -1.75 0.46
CA MET A 481 -6.54 -2.97 -0.29
C MET A 481 -5.43 -3.96 0.09
N ILE A 482 -4.19 -3.48 0.21
CA ILE A 482 -3.06 -4.32 0.54
C ILE A 482 -3.23 -5.00 1.91
N MET A 483 -3.87 -4.30 2.84
CA MET A 483 -4.11 -4.82 4.19
C MET A 483 -4.92 -6.10 4.13
N LEU A 484 -5.98 -6.09 3.32
CA LEU A 484 -6.86 -7.24 3.19
C LEU A 484 -6.18 -8.47 2.60
N PHE A 485 -5.10 -8.25 1.84
CA PHE A 485 -4.38 -9.36 1.20
C PHE A 485 -3.14 -9.81 1.96
N THR A 486 -2.86 -9.13 3.07
CA THR A 486 -1.71 -9.46 3.89
C THR A 486 -2.11 -9.60 5.35
N ASN A 487 -3.40 -9.71 5.61
CA ASN A 487 -3.91 -9.82 6.96
C ASN A 487 -3.28 -8.78 7.88
N SER A 488 -3.20 -7.54 7.42
CA SER A 488 -2.64 -6.45 8.21
C SER A 488 -3.82 -5.70 8.79
N HIS A 489 -3.69 -5.25 10.03
CA HIS A 489 -4.80 -4.59 10.67
C HIS A 489 -4.58 -3.14 10.99
N THR A 490 -3.49 -2.62 10.45
CA THR A 490 -3.15 -1.22 10.56
C THR A 490 -2.48 -0.90 9.22
N ILE A 491 -2.80 0.28 8.70
CA ILE A 491 -2.24 0.71 7.44
C ILE A 491 -0.73 0.82 7.59
N ARG A 492 -0.30 1.07 8.82
CA ARG A 492 1.12 1.19 9.14
C ARG A 492 1.92 -0.06 8.78
N ASP A 493 1.25 -1.20 8.66
CA ASP A 493 1.94 -2.44 8.34
C ASP A 493 2.12 -2.68 6.85
N VAL A 494 1.46 -1.87 6.03
CA VAL A 494 1.56 -2.05 4.58
C VAL A 494 2.23 -0.89 3.85
N ILE A 495 2.67 0.11 4.60
CA ILE A 495 3.37 1.26 4.03
C ILE A 495 4.78 1.12 4.59
N LEU A 496 5.78 1.06 3.72
CA LEU A 496 7.15 0.89 4.16
C LEU A 496 7.59 1.91 5.21
N PHE A 497 7.28 3.18 4.98
CA PHE A 497 7.66 4.23 5.92
C PHE A 497 6.47 5.08 6.31
N PRO A 498 5.62 4.54 7.20
CA PRO A 498 4.43 5.23 7.68
C PRO A 498 4.78 6.55 8.34
N ALA A 499 3.84 7.48 8.31
CA ALA A 499 4.08 8.76 8.95
C ALA A 499 4.10 8.48 10.47
N MET A 500 5.18 8.86 11.13
CA MET A 500 5.31 8.65 12.58
C MET A 500 5.27 10.00 13.30
N ARG A 501 4.86 9.98 14.57
CA ARG A 501 4.84 11.20 15.35
C ARG A 501 6.27 11.47 15.80
N PRO A 502 6.68 12.76 15.82
CA PRO A 502 8.04 13.13 16.23
C PRO A 502 8.49 12.50 17.55
N LAD B . -11.75 11.06 -6.42
CA LAD B . -12.27 9.97 -5.59
CB LAD B . -12.06 8.65 -6.32
CG LAD B . -12.67 8.62 -7.70
CD LAD B . -14.16 8.86 -7.63
CE LAD B . -14.81 8.59 -8.97
NZ LAD B . -14.74 9.80 -9.86
C LAD B . -11.55 9.97 -4.21
O LAD B . -10.55 10.68 -4.02
PA LAD B . -11.91 9.22 -1.62
O5' LAD B . -10.53 8.42 -1.64
C5' LAD B . -10.36 7.19 -2.34
C4' LAD B . -9.93 6.11 -1.37
O4' LAD B . -8.67 6.51 -0.77
C1' LAD B . -8.52 5.87 0.49
N9 LAD B . -8.05 6.87 1.45
C4 LAD B . -6.97 6.74 2.29
N3 LAD B . -6.15 5.69 2.39
C2 LAD B . -5.22 5.90 3.33
N1 LAD B . -5.04 6.98 4.09
C6 LAD B . -5.87 8.03 3.96
N6 LAD B . -5.65 9.12 4.70
C5 LAD B . -6.91 7.92 3.01
N7 LAD B . -7.93 8.78 2.62
C8 LAD B . -8.57 8.11 1.69
C2' LAD B . -9.88 5.23 0.82
O2' LAD B . -9.80 3.85 0.54
C3' LAD B . -10.82 5.93 -0.15
O3' LAD B . -11.96 5.13 -0.43
O1A LAD B . -12.85 8.38 -0.86
O2A LAD B . -11.60 10.55 -1.04
O3A LAD B . -12.32 9.27 -3.20
P1 POP C . -12.46 7.44 5.04
O1 POP C . -12.14 8.25 6.24
O2 POP C . -11.86 6.08 5.08
O3 POP C . -13.91 7.43 4.71
O POP C . -11.72 8.18 3.82
P2 POP C . -12.42 8.91 2.59
O4 POP C . -13.88 8.69 2.75
O5 POP C . -12.02 10.35 2.68
O6 POP C . -11.83 8.22 1.41
MG MG D . -15.23 8.81 0.81
MG MG E . -11.58 9.94 5.19
C1 GOL F . -10.75 -4.96 10.96
O1 GOL F . -9.36 -5.28 10.95
C2 GOL F . -11.73 -6.08 10.71
O2 GOL F . -11.19 -7.38 10.51
C3 GOL F . -12.88 -6.02 11.68
O3 GOL F . -13.23 -7.24 12.33
C1 GOL G . 2.51 3.97 -7.25
O1 GOL G . 2.93 5.31 -7.46
C2 GOL G . 3.16 2.95 -8.10
O2 GOL G . 4.31 3.41 -8.81
C3 GOL G . 3.34 1.66 -7.39
O3 GOL G . 4.52 0.94 -7.67
C1 GOL H . -27.44 5.42 -6.97
O1 GOL H . -26.28 4.59 -6.91
C2 GOL H . -28.48 5.08 -8.00
O2 GOL H . -27.99 4.78 -9.30
C3 GOL H . -29.50 4.11 -7.49
O3 GOL H . -30.82 4.23 -8.01
C1 GOL I . -16.27 13.62 -2.70
O1 GOL I . -15.30 12.97 -1.89
C2 GOL I . -16.44 13.07 -4.07
O2 GOL I . -16.23 11.67 -4.17
C3 GOL I . -17.70 13.58 -4.72
O3 GOL I . -17.98 13.16 -6.05
C1 GOL J . -19.46 -10.66 10.89
O1 GOL J . -19.72 -9.29 11.20
C2 GOL J . -19.71 -11.08 9.48
O2 GOL J . -19.49 -10.08 8.49
C3 GOL J . -19.08 -12.41 9.17
O3 GOL J . -18.05 -12.41 8.19
C1 GOL K . -10.38 20.54 -2.71
O1 GOL K . -11.29 21.08 -3.66
C2 GOL K . -10.75 20.70 -1.26
O2 GOL K . -11.38 19.56 -0.68
C3 GOL K . -9.62 21.27 -0.47
O3 GOL K . -9.96 22.30 0.45
C1 GOL L . -40.07 -1.56 10.80
O1 GOL L . -39.42 -0.55 11.56
C2 GOL L . -40.48 -1.20 9.41
O2 GOL L . -39.57 -0.35 8.71
C3 GOL L . -40.93 -2.39 8.63
O3 GOL L . -41.59 -2.13 7.39
#